data_7Z0Q
#
_entry.id   7Z0Q
#
_cell.length_a   134.094
_cell.length_b   134.094
_cell.length_c   72.178
_cell.angle_alpha   90.000
_cell.angle_beta   90.000
_cell.angle_gamma   120.000
#
_symmetry.space_group_name_H-M   'H 3'
#
loop_
_entity.id
_entity.type
_entity.pdbx_description
1 polymer 'HLA class II histocompatibility antigen, DR alpha chain'
2 polymer 'HLA-DRB1 protein'
3 polymer 'CLIP peptide'
4 non-polymer 1,2-ETHANEDIOL
5 water water
#
loop_
_entity_poly.entity_id
_entity_poly.type
_entity_poly.pdbx_seq_one_letter_code
_entity_poly.pdbx_strand_id
1 'polypeptide(L)'
;IKEEHVIIQAEFYLNPDQSGEFMFDFDGDEIFHVDMAKKETVWRLEEFGRFASFEAQGALANIAVDKANLEIMTKRSNYT
PITNVPPEVTVLTNSPVELREPNVLICFIDKFTPPVVNVTWLRNGKPVTTGVSETVFLPREDHLFRKFHYLPFLPSTEDV
YDCRVEHWGLDEPLLKHWEFDAPSPLPETTEV
;
C
2 'polypeptide(L)'
;DTQPRFLWQGKYKCHFFNGTERVQFLERLFYNQEEFVRFDSDVGEYRAVTELGRPVAESWNSQKDILEDRRGQVDTVCRH
NYGVGESFTVQRRVHPEVTVYPAKTQPLQHHNLLVCSVSGFYPGSIEVRWFRNGQEEKAGVVSTGLIQNGDWTFQTLVML
ETVPRSGEVYTCQVEHPSVMSPLTVEWRARSESAQSKM
;
D
3 'polypeptide(L)' PVSKMRMATPLLMQAGN G
#
# COMPACT_ATOMS: atom_id res chain seq x y z
N GLU A 3 7.07 -14.29 -10.23
CA GLU A 3 6.16 -13.41 -9.50
C GLU A 3 4.96 -12.97 -10.38
N GLU A 4 3.74 -13.28 -9.94
CA GLU A 4 2.52 -12.88 -10.63
C GLU A 4 1.66 -11.99 -9.71
N HIS A 5 1.21 -12.54 -8.56
CA HIS A 5 0.39 -11.79 -7.62
C HIS A 5 0.79 -12.01 -6.16
N VAL A 6 0.82 -10.93 -5.38
CA VAL A 6 1.20 -10.97 -3.97
C VAL A 6 0.08 -10.42 -3.09
N ILE A 7 -0.40 -11.23 -2.14
CA ILE A 7 -1.37 -10.82 -1.13
C ILE A 7 -0.67 -10.78 0.24
N ILE A 8 -0.60 -9.59 0.85
CA ILE A 8 -0.04 -9.48 2.20
C ILE A 8 -1.10 -9.13 3.24
N GLN A 9 -1.22 -9.97 4.28
CA GLN A 9 -2.01 -9.69 5.46
C GLN A 9 -1.04 -8.95 6.44
N ALA A 10 -1.22 -7.62 6.61
CA ALA A 10 -0.36 -6.85 7.48
C ALA A 10 -1.09 -6.35 8.70
N GLU A 11 -0.65 -6.78 9.87
CA GLU A 11 -1.23 -6.35 11.13
C GLU A 11 -0.16 -5.78 12.07
N PHE A 12 -0.57 -4.87 12.94
CA PHE A 12 0.33 -4.29 13.91
C PHE A 12 -0.39 -3.96 15.20
N TYR A 13 0.38 -3.87 16.30
CA TYR A 13 -0.12 -3.43 17.58
C TYR A 13 0.93 -2.55 18.20
N LEU A 14 0.50 -1.42 18.78
CA LEU A 14 1.42 -0.43 19.32
C LEU A 14 1.11 -0.06 20.76
N ASN A 15 2.12 -0.17 21.65
CA ASN A 15 2.07 0.22 23.06
C ASN A 15 2.86 1.53 23.26
N PRO A 16 2.46 2.44 24.18
CA PRO A 16 1.34 2.36 25.14
C PRO A 16 0.01 2.87 24.58
N ASP A 17 0.02 3.33 23.31
CA ASP A 17 -1.16 3.85 22.61
C ASP A 17 -2.31 2.83 22.56
N GLN A 18 -1.97 1.51 22.72
CA GLN A 18 -2.93 0.41 22.66
C GLN A 18 -3.73 0.44 21.35
N SER A 19 -3.02 0.69 20.22
CA SER A 19 -3.62 0.80 18.90
C SER A 19 -3.16 -0.30 17.96
N GLY A 20 -4.14 -0.93 17.33
CA GLY A 20 -3.88 -2.02 16.41
C GLY A 20 -4.59 -1.85 15.09
N GLU A 21 -4.01 -2.41 14.04
CA GLU A 21 -4.58 -2.37 12.69
C GLU A 21 -4.42 -3.73 12.01
N PHE A 22 -5.28 -4.00 11.01
CA PHE A 22 -5.29 -5.25 10.26
C PHE A 22 -5.76 -4.94 8.86
N MET A 23 -4.96 -5.27 7.86
CA MET A 23 -5.37 -4.99 6.48
C MET A 23 -4.89 -6.06 5.49
N PHE A 24 -5.52 -6.10 4.32
CA PHE A 24 -5.07 -6.94 3.22
C PHE A 24 -4.57 -6.09 2.09
N ASP A 25 -3.42 -6.48 1.54
CA ASP A 25 -2.77 -5.78 0.45
C ASP A 25 -2.65 -6.70 -0.75
N PHE A 26 -3.12 -6.26 -1.89
CA PHE A 26 -2.97 -6.99 -3.13
C PHE A 26 -2.14 -6.16 -4.08
N ASP A 27 -0.91 -6.63 -4.40
CA ASP A 27 0.00 -5.97 -5.36
C ASP A 27 0.23 -4.45 -5.08
N GLY A 28 0.28 -4.08 -3.80
CA GLY A 28 0.52 -2.71 -3.37
C GLY A 28 -0.73 -1.88 -3.15
N ASP A 29 -1.91 -2.50 -3.30
CA ASP A 29 -3.20 -1.82 -3.10
C ASP A 29 -3.96 -2.45 -1.97
N GLU A 30 -4.70 -1.64 -1.20
CA GLU A 30 -5.50 -2.13 -0.08
C GLU A 30 -6.80 -2.80 -0.57
N ILE A 31 -7.09 -4.02 -0.12
CA ILE A 31 -8.36 -4.68 -0.44
C ILE A 31 -9.37 -4.23 0.62
N PHE A 32 -8.98 -4.31 1.89
CA PHE A 32 -9.81 -3.94 3.01
C PHE A 32 -8.94 -3.74 4.24
N HIS A 33 -9.52 -3.16 5.29
CA HIS A 33 -8.94 -3.09 6.61
C HIS A 33 -10.06 -3.31 7.63
N VAL A 34 -9.71 -3.58 8.88
CA VAL A 34 -10.71 -3.75 9.91
C VAL A 34 -10.63 -2.60 10.90
N ASP A 35 -11.73 -1.86 11.06
CA ASP A 35 -11.82 -0.77 12.03
C ASP A 35 -12.06 -1.41 13.38
N MET A 36 -11.03 -1.40 14.24
CA MET A 36 -11.05 -2.04 15.55
C MET A 36 -12.09 -1.43 16.48
N ALA A 37 -12.29 -0.09 16.39
CA ALA A 37 -13.24 0.66 17.22
C ALA A 37 -14.71 0.33 16.86
N LYS A 38 -14.99 0.10 15.57
CA LYS A 38 -16.35 -0.19 15.11
C LYS A 38 -16.62 -1.69 14.92
N LYS A 39 -15.56 -2.57 15.07
CA LYS A 39 -15.68 -4.03 14.85
C LYS A 39 -16.23 -4.26 13.41
N GLU A 40 -15.62 -3.56 12.43
CA GLU A 40 -16.15 -3.49 11.06
C GLU A 40 -15.10 -3.75 9.97
N THR A 41 -15.47 -4.50 8.93
CA THR A 41 -14.65 -4.75 7.74
C THR A 41 -14.89 -3.60 6.75
N VAL A 42 -13.83 -2.85 6.41
CA VAL A 42 -13.94 -1.70 5.50
C VAL A 42 -13.20 -1.96 4.18
N TRP A 43 -13.96 -2.27 3.12
CA TRP A 43 -13.44 -2.50 1.77
C TRP A 43 -12.95 -1.21 1.14
N ARG A 44 -11.72 -1.25 0.54
CA ARG A 44 -11.09 -0.08 -0.09
C ARG A 44 -11.97 0.51 -1.17
N LEU A 45 -12.62 -0.34 -1.98
CA LEU A 45 -13.68 0.03 -2.92
C LEU A 45 -14.94 -0.67 -2.43
N GLU A 46 -16.05 0.09 -2.23
CA GLU A 46 -17.35 -0.44 -1.76
C GLU A 46 -17.80 -1.73 -2.49
N GLU A 47 -17.61 -1.78 -3.83
CA GLU A 47 -18.00 -2.93 -4.65
CA GLU A 47 -17.98 -2.93 -4.67
C GLU A 47 -17.34 -4.27 -4.21
N PHE A 48 -16.18 -4.20 -3.50
CA PHE A 48 -15.47 -5.42 -3.03
C PHE A 48 -16.33 -6.24 -2.05
N GLY A 49 -17.15 -5.55 -1.26
CA GLY A 49 -18.03 -6.16 -0.28
C GLY A 49 -19.23 -6.87 -0.87
N ARG A 50 -19.44 -6.73 -2.20
CA ARG A 50 -20.49 -7.40 -2.91
C ARG A 50 -19.99 -8.78 -3.42
N PHE A 51 -18.65 -8.92 -3.60
CA PHE A 51 -18.04 -10.16 -4.13
C PHE A 51 -17.43 -11.01 -3.05
N ALA A 52 -17.00 -10.39 -1.94
CA ALA A 52 -16.33 -11.10 -0.85
C ALA A 52 -16.79 -10.59 0.52
N SER A 53 -16.55 -11.39 1.58
CA SER A 53 -16.85 -11.01 2.95
C SER A 53 -15.69 -11.35 3.90
N PHE A 54 -15.59 -10.62 5.02
CA PHE A 54 -14.59 -10.92 6.05
C PHE A 54 -15.17 -10.65 7.43
N GLU A 55 -15.09 -11.65 8.33
CA GLU A 55 -15.58 -11.53 9.70
C GLU A 55 -14.56 -10.71 10.52
N ALA A 56 -14.89 -9.44 10.79
CA ALA A 56 -14.04 -8.48 11.51
C ALA A 56 -13.56 -8.99 12.87
N GLN A 57 -14.37 -9.84 13.55
CA GLN A 57 -14.09 -10.44 14.86
C GLN A 57 -12.76 -11.22 14.89
N GLY A 58 -12.43 -11.91 13.80
CA GLY A 58 -11.19 -12.66 13.64
C GLY A 58 -9.95 -11.79 13.68
N ALA A 59 -10.04 -10.58 13.10
CA ALA A 59 -8.95 -9.59 13.08
C ALA A 59 -8.73 -9.01 14.49
N LEU A 60 -9.83 -8.77 15.24
CA LEU A 60 -9.77 -8.25 16.61
C LEU A 60 -9.12 -9.26 17.57
N ALA A 61 -9.44 -10.58 17.40
CA ALA A 61 -8.81 -11.66 18.18
C ALA A 61 -7.32 -11.81 17.79
N ASN A 62 -6.97 -11.56 16.52
CA ASN A 62 -5.58 -11.57 16.02
C ASN A 62 -4.76 -10.46 16.71
N ILE A 63 -5.33 -9.24 16.80
CA ILE A 63 -4.71 -8.07 17.41
C ILE A 63 -4.51 -8.22 18.94
N ALA A 64 -5.45 -8.93 19.62
CA ALA A 64 -5.33 -9.30 21.04
C ALA A 64 -4.10 -10.20 21.24
N VAL A 65 -3.83 -11.09 20.26
CA VAL A 65 -2.67 -11.98 20.31
C VAL A 65 -1.41 -11.19 20.03
N ASP A 66 -1.52 -10.21 19.15
CA ASP A 66 -0.40 -9.31 18.82
C ASP A 66 -0.03 -8.47 20.03
N LYS A 67 -1.05 -8.03 20.81
CA LYS A 67 -0.88 -7.24 22.03
C LYS A 67 -0.18 -8.07 23.10
N ALA A 68 -0.60 -9.35 23.28
CA ALA A 68 -0.02 -10.27 24.25
C ALA A 68 1.43 -10.59 23.89
N ASN A 69 1.69 -10.88 22.60
CA ASN A 69 3.04 -11.21 22.12
C ASN A 69 3.97 -10.00 22.16
N LEU A 70 3.44 -8.79 21.91
CA LEU A 70 4.22 -7.55 21.98
C LEU A 70 4.66 -7.32 23.42
N GLU A 71 3.72 -7.54 24.37
CA GLU A 71 3.98 -7.37 25.80
C GLU A 71 5.04 -8.33 26.31
N ILE A 72 5.13 -9.55 25.72
CA ILE A 72 6.16 -10.55 26.05
C ILE A 72 7.51 -10.12 25.45
N MET A 73 7.51 -9.75 24.16
CA MET A 73 8.69 -9.30 23.41
C MET A 73 9.31 -8.01 23.99
N THR A 74 8.46 -7.09 24.52
CA THR A 74 8.90 -5.83 25.15
C THR A 74 9.72 -6.16 26.41
N LYS A 75 9.27 -7.17 27.18
CA LYS A 75 9.98 -7.66 28.38
C LYS A 75 11.31 -8.29 27.99
N ARG A 76 11.28 -9.20 26.99
CA ARG A 76 12.47 -9.92 26.51
C ARG A 76 13.58 -8.99 25.97
N SER A 77 13.19 -7.82 25.43
CA SER A 77 14.15 -6.84 24.91
C SER A 77 14.66 -5.89 26.05
N ASN A 78 14.12 -6.08 27.28
CA ASN A 78 14.38 -5.25 28.46
C ASN A 78 13.84 -3.82 28.24
N TYR A 79 12.56 -3.74 27.79
CA TYR A 79 11.83 -2.51 27.48
C TYR A 79 12.60 -1.55 26.54
N THR A 80 13.14 -2.11 25.43
CA THR A 80 13.83 -1.32 24.40
C THR A 80 12.77 -0.71 23.44
N PRO A 81 12.85 0.60 23.15
CA PRO A 81 11.83 1.24 22.29
C PRO A 81 12.17 1.30 20.79
N ILE A 82 11.15 1.60 19.94
CA ILE A 82 11.34 1.80 18.47
C ILE A 82 12.27 2.97 18.25
N THR A 83 13.18 2.86 17.27
CA THR A 83 13.99 4.00 16.81
C THR A 83 13.12 4.70 15.75
N ASN A 84 12.65 5.91 16.07
CA ASN A 84 11.74 6.70 15.24
C ASN A 84 12.36 7.10 13.93
N VAL A 85 11.60 6.91 12.84
CA VAL A 85 12.00 7.32 11.49
C VAL A 85 11.01 8.40 11.01
N PRO A 86 11.48 9.62 10.69
CA PRO A 86 10.55 10.67 10.26
C PRO A 86 10.03 10.47 8.84
N PRO A 87 8.78 10.93 8.53
CA PRO A 87 8.28 10.80 7.16
C PRO A 87 8.76 11.87 6.19
N GLU A 88 8.88 11.48 4.90
CA GLU A 88 9.05 12.42 3.80
C GLU A 88 7.66 12.57 3.18
N VAL A 89 7.17 13.81 3.09
CA VAL A 89 5.79 14.02 2.64
C VAL A 89 5.70 14.80 1.33
N THR A 90 4.74 14.40 0.48
CA THR A 90 4.54 14.98 -0.85
C THR A 90 3.07 15.35 -1.10
N VAL A 91 2.83 16.57 -1.62
CA VAL A 91 1.49 17.02 -2.01
C VAL A 91 1.39 17.04 -3.54
N LEU A 92 0.46 16.27 -4.11
CA LEU A 92 0.30 16.12 -5.56
C LEU A 92 -1.18 15.94 -5.96
N THR A 93 -1.47 15.86 -7.27
CA THR A 93 -2.83 15.59 -7.77
C THR A 93 -2.85 14.22 -8.47
N ASN A 94 -4.03 13.59 -8.56
CA ASN A 94 -4.16 12.27 -9.19
C ASN A 94 -4.28 12.36 -10.70
N SER A 95 -4.57 13.56 -11.23
CA SER A 95 -4.74 13.84 -12.66
C SER A 95 -4.28 15.28 -12.97
N PRO A 96 -3.93 15.58 -14.26
CA PRO A 96 -3.53 16.96 -14.60
C PRO A 96 -4.54 18.01 -14.12
N VAL A 97 -4.03 19.07 -13.47
CA VAL A 97 -4.86 20.11 -12.87
C VAL A 97 -5.42 21.10 -13.93
N GLU A 98 -6.75 21.31 -13.91
CA GLU A 98 -7.44 22.25 -14.81
C GLU A 98 -8.23 23.29 -14.00
N LEU A 99 -8.09 24.57 -14.34
CA LEU A 99 -8.80 25.67 -13.68
C LEU A 99 -10.32 25.41 -13.59
N ARG A 100 -10.88 25.50 -12.35
CA ARG A 100 -12.31 25.30 -12.06
C ARG A 100 -12.85 23.88 -12.42
N GLU A 101 -11.95 22.87 -12.53
CA GLU A 101 -12.34 21.50 -12.83
C GLU A 101 -12.11 20.61 -11.61
N PRO A 102 -13.19 20.00 -11.04
CA PRO A 102 -13.03 19.20 -9.81
C PRO A 102 -11.85 18.23 -9.82
N ASN A 103 -11.04 18.27 -8.76
CA ASN A 103 -9.84 17.46 -8.64
C ASN A 103 -9.65 17.01 -7.19
N VAL A 104 -8.64 16.17 -6.95
CA VAL A 104 -8.35 15.68 -5.59
C VAL A 104 -6.89 15.84 -5.28
N LEU A 105 -6.58 16.65 -4.25
CA LEU A 105 -5.22 16.81 -3.75
C LEU A 105 -4.88 15.64 -2.86
N ILE A 106 -3.70 15.07 -3.05
CA ILE A 106 -3.31 13.93 -2.25
C ILE A 106 -2.00 14.19 -1.50
N CYS A 107 -2.05 14.05 -0.15
CA CYS A 107 -0.90 14.18 0.72
C CYS A 107 -0.35 12.80 1.02
N PHE A 108 0.81 12.48 0.44
CA PHE A 108 1.44 11.18 0.61
C PHE A 108 2.55 11.23 1.68
N ILE A 109 2.26 10.67 2.88
CA ILE A 109 3.16 10.62 4.03
C ILE A 109 3.87 9.25 4.01
N ASP A 110 5.19 9.25 3.78
CA ASP A 110 5.94 8.03 3.48
C ASP A 110 7.17 7.80 4.37
N LYS A 111 7.65 6.53 4.43
CA LYS A 111 8.88 6.11 5.09
C LYS A 111 9.01 6.56 6.58
N PHE A 112 7.99 6.24 7.41
CA PHE A 112 7.97 6.63 8.83
C PHE A 112 7.59 5.47 9.78
N THR A 113 7.94 5.61 11.10
CA THR A 113 7.58 4.72 12.21
C THR A 113 7.85 5.44 13.59
N PRO A 114 7.03 5.25 14.65
CA PRO A 114 5.82 4.38 14.76
C PRO A 114 4.65 4.85 13.89
N PRO A 115 3.60 4.00 13.69
CA PRO A 115 2.46 4.43 12.84
C PRO A 115 1.51 5.39 13.57
N VAL A 116 1.98 6.62 13.83
CA VAL A 116 1.23 7.70 14.49
C VAL A 116 1.55 9.01 13.77
N VAL A 117 0.54 9.70 13.22
CA VAL A 117 0.71 10.99 12.54
C VAL A 117 -0.46 11.93 12.83
N ASN A 118 -0.22 13.24 12.70
CA ASN A 118 -1.26 14.26 12.83
C ASN A 118 -1.27 15.07 11.55
N VAL A 119 -2.16 14.70 10.61
CA VAL A 119 -2.22 15.32 9.28
C VAL A 119 -3.36 16.35 9.18
N THR A 120 -3.04 17.57 8.77
CA THR A 120 -4.03 18.64 8.62
C THR A 120 -3.98 19.32 7.25
N TRP A 121 -5.15 19.54 6.63
CA TRP A 121 -5.25 20.26 5.36
C TRP A 121 -5.62 21.68 5.64
N LEU A 122 -5.01 22.62 4.94
CA LEU A 122 -5.39 24.02 5.08
C LEU A 122 -5.47 24.72 3.75
N ARG A 123 -6.52 25.54 3.59
CA ARG A 123 -6.75 26.36 2.41
C ARG A 123 -6.64 27.81 2.85
N ASN A 124 -5.64 28.55 2.29
CA ASN A 124 -5.35 29.96 2.61
C ASN A 124 -4.97 30.19 4.09
N GLY A 125 -4.59 29.12 4.78
CA GLY A 125 -4.22 29.15 6.18
C GLY A 125 -5.17 28.38 7.07
N LYS A 126 -6.50 28.60 6.89
CA LYS A 126 -7.56 27.98 7.69
C LYS A 126 -7.66 26.46 7.44
N PRO A 127 -7.75 25.64 8.51
CA PRO A 127 -7.87 24.18 8.30
C PRO A 127 -9.18 23.79 7.60
N VAL A 128 -9.16 22.73 6.79
CA VAL A 128 -10.34 22.25 6.06
C VAL A 128 -10.59 20.76 6.31
N THR A 129 -11.85 20.42 6.63
CA THR A 129 -12.27 19.03 6.90
C THR A 129 -13.45 18.60 5.98
N THR A 130 -13.81 19.46 4.99
CA THR A 130 -14.92 19.19 4.05
C THR A 130 -14.53 18.13 3.01
N GLY A 131 -15.27 17.01 3.02
CA GLY A 131 -15.08 15.92 2.07
C GLY A 131 -13.74 15.22 2.13
N VAL A 132 -12.90 15.59 3.13
CA VAL A 132 -11.58 14.98 3.33
C VAL A 132 -11.69 13.50 3.66
N SER A 133 -10.70 12.71 3.24
CA SER A 133 -10.68 11.27 3.51
C SER A 133 -9.22 10.82 3.70
N GLU A 134 -9.03 9.60 4.26
CA GLU A 134 -7.68 9.09 4.53
C GLU A 134 -7.63 7.55 4.55
N THR A 135 -6.46 7.00 4.23
CA THR A 135 -6.23 5.56 4.33
C THR A 135 -5.72 5.24 5.74
N VAL A 136 -5.56 3.94 6.02
CA VAL A 136 -4.93 3.48 7.25
C VAL A 136 -3.40 3.53 7.08
N PHE A 137 -2.65 2.96 8.01
CA PHE A 137 -1.20 2.90 7.94
C PHE A 137 -0.78 1.73 7.03
N LEU A 138 -0.41 2.06 5.79
CA LEU A 138 -0.16 1.08 4.74
C LEU A 138 1.25 0.54 4.78
N PRO A 139 1.42 -0.76 4.43
CA PRO A 139 2.74 -1.39 4.61
C PRO A 139 3.75 -1.07 3.50
N ARG A 140 5.02 -1.04 3.88
CA ARG A 140 6.13 -0.88 2.95
C ARG A 140 6.99 -2.11 3.08
N GLU A 141 7.83 -2.38 2.08
CA GLU A 141 8.70 -3.55 2.11
C GLU A 141 9.89 -3.38 3.07
N ASP A 142 10.23 -2.11 3.43
CA ASP A 142 11.30 -1.83 4.40
C ASP A 142 10.71 -1.78 5.82
N HIS A 143 9.42 -2.19 5.93
CA HIS A 143 8.62 -2.33 7.16
C HIS A 143 8.38 -1.00 7.86
N LEU A 144 8.48 0.10 7.10
CA LEU A 144 8.09 1.44 7.50
C LEU A 144 6.66 1.65 6.98
N PHE A 145 6.04 2.78 7.32
CA PHE A 145 4.67 3.03 6.92
C PHE A 145 4.53 4.14 5.90
N ARG A 146 3.45 4.07 5.14
CA ARG A 146 3.04 5.10 4.19
C ARG A 146 1.54 5.34 4.40
N LYS A 147 1.05 6.53 4.04
CA LYS A 147 -0.33 6.90 4.31
C LYS A 147 -0.80 7.97 3.33
N PHE A 148 -2.06 7.86 2.86
CA PHE A 148 -2.62 8.81 1.92
C PHE A 148 -3.74 9.64 2.55
N HIS A 149 -3.71 10.94 2.35
CA HIS A 149 -4.73 11.87 2.81
C HIS A 149 -5.27 12.61 1.59
N TYR A 150 -6.59 12.69 1.46
CA TYR A 150 -7.21 13.25 0.25
C TYR A 150 -8.06 14.47 0.50
N LEU A 151 -7.94 15.49 -0.39
CA LEU A 151 -8.74 16.70 -0.32
C LEU A 151 -9.40 17.05 -1.68
N PRO A 152 -10.71 16.75 -1.84
CA PRO A 152 -11.40 17.18 -3.07
C PRO A 152 -11.44 18.70 -3.13
N PHE A 153 -11.09 19.29 -4.29
CA PHE A 153 -11.00 20.75 -4.42
C PHE A 153 -11.29 21.25 -5.86
N LEU A 154 -11.70 22.53 -5.97
CA LEU A 154 -11.95 23.16 -7.26
C LEU A 154 -10.78 24.12 -7.60
N PRO A 155 -9.83 23.66 -8.46
CA PRO A 155 -8.63 24.47 -8.72
C PRO A 155 -8.88 25.92 -9.10
N SER A 156 -8.12 26.81 -8.46
CA SER A 156 -8.16 28.23 -8.73
C SER A 156 -6.73 28.76 -8.77
N THR A 157 -6.57 29.98 -9.25
CA THR A 157 -5.29 30.66 -9.40
C THR A 157 -4.94 31.46 -8.12
N GLU A 158 -5.95 31.67 -7.24
CA GLU A 158 -5.81 32.44 -5.99
C GLU A 158 -5.54 31.57 -4.75
N ASP A 159 -6.20 30.39 -4.66
CA ASP A 159 -6.08 29.48 -3.51
C ASP A 159 -4.67 28.95 -3.30
N VAL A 160 -4.28 28.78 -2.02
CA VAL A 160 -3.01 28.20 -1.58
C VAL A 160 -3.34 27.02 -0.63
N TYR A 161 -2.72 25.84 -0.88
CA TYR A 161 -2.98 24.65 -0.04
C TYR A 161 -1.75 24.13 0.69
N ASP A 162 -1.96 23.48 1.85
CA ASP A 162 -0.88 22.89 2.63
C ASP A 162 -1.28 21.68 3.40
N CYS A 163 -0.38 20.72 3.43
CA CYS A 163 -0.51 19.53 4.24
C CYS A 163 0.47 19.64 5.42
N ARG A 164 -0.05 19.79 6.65
CA ARG A 164 0.78 19.85 7.85
C ARG A 164 0.81 18.47 8.53
N VAL A 165 2.00 17.86 8.62
CA VAL A 165 2.14 16.57 9.29
C VAL A 165 3.01 16.67 10.56
N GLU A 166 2.50 16.10 11.67
CA GLU A 166 3.19 16.04 12.95
C GLU A 166 3.59 14.59 13.24
N HIS A 167 4.88 14.36 13.49
CA HIS A 167 5.42 13.03 13.82
C HIS A 167 6.47 13.20 14.94
N TRP A 168 6.76 12.12 15.70
CA TRP A 168 7.72 12.20 16.82
C TRP A 168 9.18 12.17 16.36
N GLY A 169 9.43 11.67 15.15
CA GLY A 169 10.75 11.64 14.54
C GLY A 169 11.14 12.97 13.92
N LEU A 170 10.15 13.87 13.76
CA LEU A 170 10.38 15.22 13.22
C LEU A 170 10.72 16.20 14.34
N ASP A 171 11.82 16.93 14.18
CA ASP A 171 12.17 17.94 15.18
C ASP A 171 11.20 19.11 15.07
N GLU A 172 10.68 19.35 13.86
CA GLU A 172 9.70 20.40 13.57
C GLU A 172 8.56 19.88 12.68
N PRO A 173 7.28 20.23 13.00
CA PRO A 173 6.16 19.79 12.16
C PRO A 173 6.30 20.18 10.69
N LEU A 174 6.26 19.19 9.80
CA LEU A 174 6.43 19.37 8.37
C LEU A 174 5.19 20.04 7.74
N LEU A 175 5.41 21.00 6.83
CA LEU A 175 4.33 21.70 6.11
C LEU A 175 4.68 21.79 4.63
N LYS A 176 4.07 20.92 3.80
CA LYS A 176 4.35 20.93 2.37
C LYS A 176 3.32 21.74 1.58
N HIS A 177 3.83 22.74 0.85
CA HIS A 177 3.05 23.72 0.10
C HIS A 177 2.63 23.21 -1.29
N TRP A 178 1.40 23.57 -1.72
CA TRP A 178 0.94 23.25 -3.06
C TRP A 178 0.32 24.46 -3.76
N GLU A 179 0.73 24.72 -5.01
CA GLU A 179 0.22 25.81 -5.86
C GLU A 179 -0.13 25.26 -7.24
N PHE A 180 -1.14 25.84 -7.91
CA PHE A 180 -1.53 25.44 -9.28
C PHE A 180 -0.39 25.69 -10.27
N GLN B 3 7.19 9.85 25.32
CA GLN B 3 6.86 8.59 25.98
C GLN B 3 7.36 7.38 25.15
N PRO B 4 7.90 6.31 25.81
CA PRO B 4 8.42 5.17 25.04
C PRO B 4 7.34 4.39 24.27
N ARG B 5 7.69 3.92 23.06
CA ARG B 5 6.76 3.17 22.23
C ARG B 5 7.32 1.80 21.86
N PHE B 6 6.42 0.79 21.80
CA PHE B 6 6.79 -0.58 21.44
C PHE B 6 5.84 -1.08 20.36
N LEU B 7 6.41 -1.55 19.25
CA LEU B 7 5.61 -1.95 18.10
C LEU B 7 5.79 -3.41 17.70
N TRP B 8 4.67 -4.10 17.44
CA TRP B 8 4.64 -5.45 16.91
C TRP B 8 4.13 -5.37 15.46
N GLN B 9 4.75 -6.10 14.53
CA GLN B 9 4.29 -6.20 13.17
C GLN B 9 4.23 -7.65 12.72
N GLY B 10 3.10 -8.04 12.17
CA GLY B 10 2.90 -9.37 11.61
C GLY B 10 2.56 -9.25 10.16
N LYS B 11 3.33 -9.93 9.30
CA LYS B 11 3.13 -9.91 7.86
C LYS B 11 2.98 -11.34 7.34
N TYR B 12 1.80 -11.66 6.81
CA TYR B 12 1.50 -13.00 6.30
C TYR B 12 1.31 -12.87 4.79
N LYS B 13 2.34 -13.25 4.03
CA LYS B 13 2.40 -13.05 2.60
C LYS B 13 2.11 -14.33 1.84
N CYS B 14 1.20 -14.22 0.86
CA CYS B 14 0.86 -15.28 -0.07
C CYS B 14 1.40 -14.85 -1.43
N HIS B 15 2.44 -15.56 -1.91
CA HIS B 15 3.03 -15.27 -3.21
C HIS B 15 2.55 -16.28 -4.23
N PHE B 16 1.89 -15.78 -5.27
CA PHE B 16 1.35 -16.62 -6.34
C PHE B 16 2.18 -16.46 -7.59
N PHE B 17 2.60 -17.59 -8.15
CA PHE B 17 3.40 -17.63 -9.37
C PHE B 17 2.59 -18.40 -10.39
N ASN B 18 1.93 -17.68 -11.32
CA ASN B 18 1.00 -18.25 -12.32
C ASN B 18 -0.23 -18.88 -11.61
N GLY B 19 -1.04 -18.01 -10.98
CA GLY B 19 -2.23 -18.40 -10.24
C GLY B 19 -1.94 -19.31 -9.05
N THR B 20 -2.76 -20.37 -8.88
CA THR B 20 -2.62 -21.34 -7.80
C THR B 20 -1.75 -22.55 -8.19
N GLU B 21 -0.92 -22.42 -9.25
CA GLU B 21 -0.03 -23.50 -9.68
C GLU B 21 1.17 -23.60 -8.72
N ARG B 22 1.90 -22.49 -8.52
CA ARG B 22 3.02 -22.42 -7.58
C ARG B 22 2.75 -21.30 -6.57
N VAL B 23 2.59 -21.68 -5.28
CA VAL B 23 2.22 -20.74 -4.21
C VAL B 23 3.20 -20.88 -3.04
N GLN B 24 3.70 -19.75 -2.51
CA GLN B 24 4.47 -19.79 -1.27
C GLN B 24 3.84 -18.88 -0.18
N PHE B 25 3.86 -19.36 1.07
CA PHE B 25 3.40 -18.62 2.22
C PHE B 25 4.59 -18.20 3.06
N LEU B 26 4.70 -16.90 3.33
CA LEU B 26 5.81 -16.38 4.13
C LEU B 26 5.31 -15.54 5.31
N GLU B 27 5.60 -16.01 6.53
CA GLU B 27 5.24 -15.36 7.77
C GLU B 27 6.48 -14.68 8.32
N ARG B 28 6.40 -13.38 8.57
CA ARG B 28 7.52 -12.66 9.16
C ARG B 28 7.02 -11.80 10.32
N LEU B 29 7.68 -11.91 11.47
CA LEU B 29 7.29 -11.18 12.67
C LEU B 29 8.33 -10.13 13.00
N PHE B 30 7.87 -8.93 13.41
CA PHE B 30 8.77 -7.80 13.67
C PHE B 30 8.52 -7.20 15.02
N TYR B 31 9.60 -6.78 15.66
CA TYR B 31 9.54 -6.05 16.92
C TYR B 31 10.34 -4.78 16.74
N ASN B 32 9.72 -3.62 17.04
CA ASN B 32 10.34 -2.32 16.83
C ASN B 32 11.00 -2.25 15.43
N GLN B 33 10.24 -2.66 14.38
CA GLN B 33 10.65 -2.67 12.96
C GLN B 33 11.61 -3.84 12.60
N GLU B 34 12.33 -4.39 13.59
CA GLU B 34 13.29 -5.46 13.34
C GLU B 34 12.66 -6.86 13.24
N GLU B 35 12.90 -7.53 12.09
CA GLU B 35 12.46 -8.92 11.86
C GLU B 35 13.24 -9.84 12.76
N PHE B 36 12.55 -10.66 13.56
CA PHE B 36 13.25 -11.55 14.50
C PHE B 36 13.07 -13.03 14.20
N VAL B 37 11.91 -13.42 13.67
CA VAL B 37 11.59 -14.82 13.33
C VAL B 37 10.75 -14.86 12.04
N ARG B 38 10.78 -16.00 11.33
CA ARG B 38 10.01 -16.15 10.09
C ARG B 38 9.69 -17.61 9.76
N PHE B 39 8.53 -17.84 9.15
CA PHE B 39 8.14 -19.14 8.62
C PHE B 39 8.03 -19.02 7.11
N ASP B 40 8.93 -19.67 6.40
CA ASP B 40 8.96 -19.77 4.95
C ASP B 40 8.42 -21.16 4.62
N SER B 41 7.33 -21.24 3.81
CA SER B 41 6.72 -22.54 3.45
C SER B 41 7.69 -23.44 2.65
N ASP B 42 8.64 -22.84 1.92
CA ASP B 42 9.63 -23.58 1.13
C ASP B 42 10.62 -24.35 2.03
N VAL B 43 10.79 -23.91 3.29
CA VAL B 43 11.63 -24.61 4.26
C VAL B 43 10.78 -25.51 5.20
N GLY B 44 9.53 -25.09 5.46
CA GLY B 44 8.58 -25.87 6.27
C GLY B 44 8.76 -25.78 7.78
N GLU B 45 9.69 -24.93 8.24
CA GLU B 45 9.96 -24.71 9.67
C GLU B 45 10.22 -23.21 9.95
N TYR B 46 10.16 -22.80 11.23
CA TYR B 46 10.47 -21.44 11.63
C TYR B 46 11.98 -21.24 11.71
N ARG B 47 12.47 -20.07 11.26
CA ARG B 47 13.90 -19.75 11.29
C ARG B 47 14.11 -18.37 11.88
N ALA B 48 15.08 -18.25 12.79
CA ALA B 48 15.41 -17.00 13.46
C ALA B 48 16.15 -16.04 12.54
N VAL B 49 15.88 -14.74 12.70
CA VAL B 49 16.53 -13.68 11.90
C VAL B 49 17.53 -12.95 12.82
N THR B 50 17.11 -12.71 14.10
CA THR B 50 17.93 -12.10 15.16
C THR B 50 17.91 -13.01 16.40
N GLU B 51 18.73 -12.67 17.44
CA GLU B 51 18.87 -13.43 18.69
C GLU B 51 17.54 -13.67 19.44
N LEU B 52 16.60 -12.71 19.38
CA LEU B 52 15.30 -12.86 20.06
C LEU B 52 14.44 -13.99 19.47
N GLY B 53 14.54 -14.18 18.16
CA GLY B 53 13.82 -15.23 17.45
C GLY B 53 14.36 -16.64 17.64
N ARG B 54 15.61 -16.79 18.19
CA ARG B 54 16.23 -18.12 18.42
C ARG B 54 15.37 -19.03 19.36
N PRO B 55 15.03 -18.61 20.61
CA PRO B 55 14.14 -19.46 21.43
C PRO B 55 12.67 -19.47 20.94
N VAL B 56 12.25 -18.41 20.19
CA VAL B 56 10.91 -18.31 19.59
C VAL B 56 10.71 -19.43 18.54
N ALA B 57 11.64 -19.55 17.56
CA ALA B 57 11.63 -20.59 16.53
C ALA B 57 11.83 -21.97 17.17
N GLU B 58 12.67 -22.05 18.24
CA GLU B 58 12.96 -23.30 18.96
C GLU B 58 11.67 -23.92 19.54
N SER B 59 10.81 -23.08 20.19
CA SER B 59 9.56 -23.53 20.85
C SER B 59 8.49 -23.99 19.85
N TRP B 60 8.31 -23.23 18.77
CA TRP B 60 7.27 -23.51 17.79
C TRP B 60 7.58 -24.75 16.97
N ASN B 61 8.87 -24.89 16.53
CA ASN B 61 9.36 -26.04 15.74
C ASN B 61 9.30 -27.34 16.50
N SER B 62 9.35 -27.29 17.85
CA SER B 62 9.29 -28.48 18.69
C SER B 62 7.86 -29.00 18.82
N GLN B 63 6.88 -28.26 18.25
CA GLN B 63 5.48 -28.61 18.32
C GLN B 63 4.92 -29.03 16.95
N LYS B 64 4.67 -30.35 16.78
CA LYS B 64 4.13 -30.97 15.56
C LYS B 64 2.83 -30.27 15.07
N ASP B 65 1.93 -29.96 16.01
CA ASP B 65 0.65 -29.28 15.75
C ASP B 65 0.84 -27.87 15.15
N ILE B 66 1.86 -27.13 15.64
CA ILE B 66 2.16 -25.78 15.14
C ILE B 66 2.69 -25.83 13.71
N LEU B 67 3.63 -26.77 13.43
CA LEU B 67 4.22 -26.93 12.10
C LEU B 67 3.22 -27.38 11.05
N GLU B 68 2.30 -28.31 11.41
CA GLU B 68 1.29 -28.79 10.47
C GLU B 68 0.30 -27.71 10.09
N ASP B 69 -0.05 -26.83 11.06
CA ASP B 69 -0.92 -25.70 10.83
C ASP B 69 -0.23 -24.71 9.88
N ARG B 70 1.04 -24.36 10.16
CA ARG B 70 1.80 -23.42 9.34
C ARG B 70 2.10 -23.96 7.94
N ARG B 71 2.34 -25.28 7.81
CA ARG B 71 2.61 -25.95 6.52
C ARG B 71 1.37 -25.99 5.58
N GLY B 72 0.17 -26.03 6.17
CA GLY B 72 -1.08 -26.06 5.43
C GLY B 72 -1.67 -24.71 5.04
N GLN B 73 -1.00 -23.60 5.45
CA GLN B 73 -1.45 -22.22 5.15
C GLN B 73 -1.60 -21.96 3.65
N VAL B 74 -0.68 -22.53 2.83
CA VAL B 74 -0.69 -22.39 1.36
C VAL B 74 -2.04 -22.82 0.74
N ASP B 75 -2.68 -23.83 1.33
CA ASP B 75 -3.96 -24.37 0.82
C ASP B 75 -5.17 -23.76 1.52
N THR B 76 -5.15 -23.73 2.87
CA THR B 76 -6.27 -23.29 3.69
C THR B 76 -6.51 -21.79 3.65
N VAL B 77 -5.46 -20.99 3.51
CA VAL B 77 -5.60 -19.55 3.46
C VAL B 77 -5.24 -19.00 2.09
N CYS B 78 -3.95 -19.20 1.66
CA CYS B 78 -3.40 -18.65 0.40
C CYS B 78 -4.22 -19.02 -0.82
N ARG B 79 -4.33 -20.33 -1.13
CA ARG B 79 -5.07 -20.84 -2.29
C ARG B 79 -6.57 -20.55 -2.21
N HIS B 80 -7.15 -20.59 -0.99
CA HIS B 80 -8.56 -20.27 -0.78
C HIS B 80 -8.82 -18.77 -1.12
N ASN B 81 -7.98 -17.85 -0.57
CA ASN B 81 -8.13 -16.40 -0.79
C ASN B 81 -7.92 -15.97 -2.25
N TYR B 82 -7.10 -16.73 -3.02
CA TYR B 82 -6.89 -16.43 -4.43
C TYR B 82 -8.20 -16.60 -5.21
N GLY B 83 -8.94 -17.66 -4.90
CA GLY B 83 -10.24 -17.93 -5.51
C GLY B 83 -11.29 -16.91 -5.11
N VAL B 84 -11.30 -16.51 -3.82
CA VAL B 84 -12.27 -15.55 -3.28
C VAL B 84 -12.16 -14.15 -3.96
N GLY B 85 -10.92 -13.66 -4.12
CA GLY B 85 -10.67 -12.32 -4.65
C GLY B 85 -10.34 -12.22 -6.12
N GLU B 86 -10.14 -13.35 -6.80
CA GLU B 86 -9.73 -13.42 -8.21
C GLU B 86 -10.50 -12.46 -9.14
N SER B 87 -11.85 -12.50 -9.12
CA SER B 87 -12.69 -11.71 -10.02
C SER B 87 -12.50 -10.18 -9.89
N PHE B 88 -12.28 -9.66 -8.64
CA PHE B 88 -12.19 -8.21 -8.42
C PHE B 88 -10.76 -7.67 -8.22
N THR B 89 -9.74 -8.54 -8.28
CA THR B 89 -8.35 -8.11 -8.10
C THR B 89 -7.50 -8.51 -9.30
N VAL B 90 -7.24 -9.83 -9.46
CA VAL B 90 -6.49 -10.40 -10.59
C VAL B 90 -7.16 -10.04 -11.91
N GLN B 91 -8.50 -10.16 -11.95
CA GLN B 91 -9.27 -9.94 -13.16
C GLN B 91 -9.83 -8.51 -13.28
N ARG B 92 -9.32 -7.55 -12.46
CA ARG B 92 -9.73 -6.16 -12.53
C ARG B 92 -9.09 -5.45 -13.73
N ARG B 93 -9.93 -4.80 -14.58
CA ARG B 93 -9.47 -4.06 -15.77
C ARG B 93 -10.16 -2.68 -15.84
N VAL B 94 -9.38 -1.59 -15.72
CA VAL B 94 -9.89 -0.21 -15.85
C VAL B 94 -9.15 0.50 -16.98
N HIS B 95 -9.89 1.12 -17.93
CA HIS B 95 -9.34 1.83 -19.09
C HIS B 95 -8.41 3.00 -18.73
N PRO B 96 -7.25 3.10 -19.43
CA PRO B 96 -6.39 4.28 -19.25
C PRO B 96 -7.01 5.52 -19.93
N GLU B 97 -6.70 6.70 -19.38
CA GLU B 97 -7.12 8.00 -19.92
C GLU B 97 -5.86 8.69 -20.48
N VAL B 98 -5.78 8.79 -21.83
CA VAL B 98 -4.58 9.31 -22.51
C VAL B 98 -4.74 10.78 -23.01
N THR B 99 -3.73 11.62 -22.70
CA THR B 99 -3.64 13.02 -23.15
C THR B 99 -2.19 13.41 -23.45
N VAL B 100 -1.99 14.28 -24.47
CA VAL B 100 -0.65 14.74 -24.86
C VAL B 100 -0.55 16.27 -24.76
N TYR B 101 0.55 16.77 -24.16
CA TYR B 101 0.81 18.22 -23.99
C TYR B 101 2.35 18.50 -23.89
N PRO B 102 2.84 19.70 -24.32
CA PRO B 102 4.29 19.96 -24.18
C PRO B 102 4.67 20.50 -22.80
N ALA B 103 5.95 20.30 -22.38
CA ALA B 103 6.45 20.83 -21.11
C ALA B 103 7.67 21.72 -21.33
N HIS B 111 12.91 25.51 -24.73
CA HIS B 111 13.13 24.09 -24.41
C HIS B 111 11.96 23.21 -24.91
N ASN B 112 12.28 22.00 -25.44
CA ASN B 112 11.26 21.10 -25.97
C ASN B 112 11.31 19.69 -25.35
N LEU B 113 10.17 19.24 -24.80
CA LEU B 113 10.00 17.94 -24.15
C LEU B 113 8.50 17.58 -24.18
N LEU B 114 8.11 16.61 -25.04
CA LEU B 114 6.70 16.24 -25.23
C LEU B 114 6.20 15.19 -24.22
N VAL B 115 5.08 15.48 -23.53
CA VAL B 115 4.53 14.63 -22.47
C VAL B 115 3.32 13.79 -22.92
N CYS B 116 3.28 12.50 -22.51
CA CYS B 116 2.11 11.64 -22.72
C CYS B 116 1.56 11.21 -21.36
N SER B 117 0.45 11.82 -20.93
CA SER B 117 -0.16 11.55 -19.64
C SER B 117 -1.16 10.39 -19.73
N VAL B 118 -0.86 9.29 -19.01
CA VAL B 118 -1.68 8.07 -18.94
C VAL B 118 -2.20 7.92 -17.50
N SER B 119 -3.54 8.00 -17.31
CA SER B 119 -4.18 8.05 -16.00
C SER B 119 -5.29 7.01 -15.76
N GLY B 120 -5.59 6.78 -14.47
CA GLY B 120 -6.69 5.96 -13.98
C GLY B 120 -6.79 4.51 -14.44
N PHE B 121 -5.68 3.92 -14.88
CA PHE B 121 -5.70 2.55 -15.39
C PHE B 121 -5.36 1.46 -14.35
N TYR B 122 -5.86 0.23 -14.59
CA TYR B 122 -5.58 -0.95 -13.78
C TYR B 122 -5.73 -2.22 -14.63
N PRO B 123 -4.78 -3.18 -14.58
CA PRO B 123 -3.58 -3.23 -13.69
C PRO B 123 -2.40 -2.37 -14.19
N GLY B 124 -1.28 -2.45 -13.48
CA GLY B 124 -0.09 -1.66 -13.73
C GLY B 124 0.62 -1.94 -15.03
N SER B 125 0.54 -3.19 -15.54
CA SER B 125 1.16 -3.58 -16.81
C SER B 125 0.65 -2.71 -18.00
N ILE B 126 1.56 -1.94 -18.64
CA ILE B 126 1.22 -1.03 -19.74
C ILE B 126 2.38 -0.83 -20.74
N GLU B 127 2.03 -0.69 -22.04
CA GLU B 127 3.00 -0.41 -23.09
C GLU B 127 2.73 0.99 -23.64
N VAL B 128 3.70 1.89 -23.51
CA VAL B 128 3.56 3.28 -23.96
C VAL B 128 4.66 3.61 -24.98
N ARG B 129 4.27 3.75 -26.25
CA ARG B 129 5.22 3.98 -27.35
C ARG B 129 4.95 5.30 -28.08
N TRP B 130 6.01 6.06 -28.38
CA TRP B 130 5.91 7.30 -29.16
C TRP B 130 6.18 6.99 -30.63
N PHE B 131 5.37 7.55 -31.54
CA PHE B 131 5.52 7.32 -32.99
C PHE B 131 5.71 8.64 -33.75
N GLY B 134 6.29 9.44 -38.00
CA GLY B 134 5.77 8.18 -38.57
C GLY B 134 6.35 6.96 -37.87
N GLN B 135 7.64 6.71 -38.07
CA GLN B 135 8.33 5.56 -37.42
C GLN B 135 8.40 5.83 -35.91
N GLU B 136 8.23 4.79 -35.09
CA GLU B 136 8.27 4.98 -33.62
C GLU B 136 9.71 5.30 -33.18
N GLU B 137 9.86 6.10 -32.12
CA GLU B 137 11.20 6.47 -31.58
C GLU B 137 11.41 5.69 -30.28
N LYS B 138 12.54 4.97 -30.16
CA LYS B 138 12.79 4.14 -28.96
C LYS B 138 13.80 4.84 -28.04
N ALA B 139 14.73 5.61 -28.61
CA ALA B 139 15.75 6.31 -27.83
C ALA B 139 15.32 7.75 -27.54
N GLY B 140 15.44 8.15 -26.27
CA GLY B 140 15.05 9.49 -25.82
C GLY B 140 13.58 9.59 -25.47
N VAL B 141 13.08 8.62 -24.67
CA VAL B 141 11.67 8.57 -24.25
C VAL B 141 11.53 8.45 -22.71
N VAL B 142 12.30 9.27 -21.94
CA VAL B 142 12.30 9.25 -20.46
C VAL B 142 10.90 9.15 -19.82
N SER B 143 10.80 8.39 -18.71
CA SER B 143 9.55 8.22 -18.00
C SER B 143 9.72 8.48 -16.52
N THR B 144 8.68 9.07 -15.88
CA THR B 144 8.64 9.30 -14.43
C THR B 144 8.44 7.95 -13.70
N GLY B 145 8.04 6.94 -14.47
CA GLY B 145 7.80 5.59 -13.96
C GLY B 145 6.33 5.35 -13.68
N LEU B 146 6.01 4.12 -13.24
CA LEU B 146 4.65 3.73 -12.89
C LEU B 146 4.32 4.28 -11.50
N ILE B 147 3.29 5.14 -11.40
CA ILE B 147 2.91 5.75 -10.12
C ILE B 147 1.59 5.16 -9.61
N GLN B 148 1.65 4.56 -8.40
CA GLN B 148 0.49 3.95 -7.73
C GLN B 148 -0.22 5.02 -6.89
N ASN B 149 -1.48 5.36 -7.26
CA ASN B 149 -2.26 6.41 -6.60
C ASN B 149 -2.84 6.01 -5.24
N GLY B 150 -2.74 4.72 -4.92
CA GLY B 150 -3.21 4.19 -3.64
C GLY B 150 -4.70 3.96 -3.59
N ASP B 151 -5.37 3.96 -4.77
CA ASP B 151 -6.82 3.82 -4.89
C ASP B 151 -7.21 2.86 -6.04
N TRP B 152 -6.36 1.84 -6.34
CA TRP B 152 -6.59 0.87 -7.43
C TRP B 152 -6.54 1.49 -8.84
N THR B 153 -5.74 2.58 -9.01
CA THR B 153 -5.48 3.21 -10.31
C THR B 153 -3.99 3.55 -10.42
N PHE B 154 -3.49 3.60 -11.64
CA PHE B 154 -2.11 3.98 -11.90
C PHE B 154 -2.07 5.22 -12.80
N GLN B 155 -0.97 5.95 -12.72
CA GLN B 155 -0.72 7.08 -13.60
C GLN B 155 0.75 7.08 -14.00
N THR B 156 1.04 7.45 -15.25
CA THR B 156 2.40 7.55 -15.76
C THR B 156 2.52 8.64 -16.81
N LEU B 157 3.68 9.30 -16.83
CA LEU B 157 4.03 10.32 -17.79
C LEU B 157 5.25 9.84 -18.56
N VAL B 158 5.12 9.70 -19.90
CA VAL B 158 6.21 9.28 -20.76
C VAL B 158 6.63 10.42 -21.70
N MET B 159 7.76 11.08 -21.35
CA MET B 159 8.32 12.24 -22.06
C MET B 159 9.05 11.86 -23.36
N LEU B 160 9.55 12.88 -24.09
CA LEU B 160 10.29 12.71 -25.34
C LEU B 160 11.24 13.93 -25.57
N GLU B 161 12.60 13.73 -25.40
CA GLU B 161 13.63 14.78 -25.63
C GLU B 161 13.66 15.08 -27.14
N THR B 162 12.73 15.95 -27.61
CA THR B 162 12.61 16.31 -29.04
C THR B 162 13.08 17.75 -29.31
N VAL B 163 13.33 18.10 -30.60
CA VAL B 163 13.81 19.45 -30.94
C VAL B 163 12.60 20.42 -31.30
N PRO B 164 11.70 20.19 -32.33
CA PRO B 164 11.63 19.09 -33.30
C PRO B 164 12.27 19.43 -34.65
N GLU B 168 5.27 18.16 -38.71
CA GLU B 168 5.38 16.84 -38.10
C GLU B 168 4.32 16.63 -37.01
N VAL B 169 3.61 15.49 -37.08
CA VAL B 169 2.58 15.13 -36.08
C VAL B 169 3.12 14.00 -35.20
N TYR B 170 3.09 14.21 -33.87
CA TYR B 170 3.55 13.20 -32.90
C TYR B 170 2.35 12.44 -32.34
N THR B 171 2.48 11.09 -32.22
CA THR B 171 1.39 10.25 -31.73
C THR B 171 1.84 9.28 -30.63
N CYS B 172 1.15 9.34 -29.46
CA CYS B 172 1.40 8.46 -28.33
C CYS B 172 0.49 7.24 -28.42
N GLN B 173 1.08 6.03 -28.52
CA GLN B 173 0.34 4.77 -28.59
C GLN B 173 0.38 4.04 -27.23
N VAL B 174 -0.81 3.72 -26.67
CA VAL B 174 -0.93 3.04 -25.38
C VAL B 174 -1.59 1.66 -25.53
N GLU B 175 -0.91 0.60 -25.04
CA GLU B 175 -1.41 -0.77 -25.05
C GLU B 175 -1.57 -1.26 -23.60
N HIS B 176 -2.79 -1.72 -23.26
CA HIS B 176 -3.17 -2.13 -21.89
C HIS B 176 -4.12 -3.35 -21.94
N PRO B 177 -4.14 -4.23 -20.90
CA PRO B 177 -5.07 -5.39 -20.94
C PRO B 177 -6.58 -5.04 -20.89
N SER B 178 -6.93 -3.79 -20.51
CA SER B 178 -8.33 -3.34 -20.44
C SER B 178 -8.88 -2.99 -21.84
N VAL B 179 -8.09 -2.24 -22.62
CA VAL B 179 -8.50 -1.80 -23.95
C VAL B 179 -8.15 -2.87 -25.01
N MET B 180 -9.14 -3.21 -25.87
CA MET B 180 -8.98 -4.24 -26.90
C MET B 180 -8.07 -3.75 -28.05
N SER B 181 -8.29 -2.50 -28.51
CA SER B 181 -7.50 -1.90 -29.58
C SER B 181 -6.50 -0.87 -28.98
N PRO B 182 -5.30 -0.66 -29.60
CA PRO B 182 -4.36 0.33 -29.03
C PRO B 182 -4.91 1.76 -29.07
N LEU B 183 -4.85 2.46 -27.93
CA LEU B 183 -5.32 3.84 -27.83
C LEU B 183 -4.25 4.81 -28.34
N THR B 184 -4.65 5.81 -29.14
CA THR B 184 -3.71 6.76 -29.73
C THR B 184 -4.17 8.21 -29.58
N VAL B 185 -3.23 9.13 -29.26
CA VAL B 185 -3.49 10.58 -29.13
C VAL B 185 -2.43 11.36 -29.94
N GLU B 186 -2.88 12.13 -30.95
CA GLU B 186 -2.02 12.93 -31.83
C GLU B 186 -1.79 14.35 -31.27
N TRP B 187 -0.68 15.01 -31.66
CA TRP B 187 -0.36 16.37 -31.20
C TRP B 187 0.32 17.21 -32.26
N ARG B 188 -0.07 18.51 -32.32
CA ARG B 188 0.53 19.51 -33.21
C ARG B 188 0.44 20.91 -32.58
N ALA B 189 1.56 21.68 -32.67
CA ALA B 189 1.64 23.04 -32.08
C ALA B 189 1.22 24.14 -33.06
N ARG B 190 0.64 25.24 -32.53
CA ARG B 190 0.21 26.39 -33.32
C ARG B 190 0.72 27.70 -32.72
N SER C 3 -16.47 -16.96 -1.14
CA SER C 3 -16.99 -15.68 -0.67
C SER C 3 -16.27 -15.19 0.61
N LYS C 4 -16.02 -16.09 1.58
CA LYS C 4 -15.39 -15.70 2.86
C LYS C 4 -13.89 -15.62 2.77
N MET C 5 -13.33 -14.43 3.01
CA MET C 5 -11.89 -14.22 3.09
C MET C 5 -11.39 -14.81 4.39
N ARG C 6 -10.28 -15.56 4.32
CA ARG C 6 -9.68 -16.19 5.48
C ARG C 6 -8.43 -15.45 5.85
N MET C 7 -7.91 -15.71 7.02
CA MET C 7 -6.69 -15.06 7.47
C MET C 7 -5.79 -16.04 8.19
N ALA C 8 -4.50 -15.73 8.27
CA ALA C 8 -3.56 -16.50 9.06
C ALA C 8 -3.68 -16.02 10.51
N THR C 9 -3.71 -16.95 11.47
CA THR C 9 -3.81 -16.58 12.88
C THR C 9 -2.40 -16.42 13.45
N PRO C 10 -2.15 -15.42 14.33
CA PRO C 10 -0.81 -15.34 14.94
C PRO C 10 -0.61 -16.47 15.97
N LEU C 11 0.62 -16.92 16.15
CA LEU C 11 0.91 -17.93 17.17
C LEU C 11 1.22 -17.24 18.48
N LEU C 12 0.82 -17.86 19.61
CA LEU C 12 1.16 -17.38 20.92
C LEU C 12 2.58 -17.78 21.22
N MET C 13 3.40 -16.85 21.71
CA MET C 13 4.80 -17.15 22.05
C MET C 13 4.91 -17.94 23.36
N GLN C 14 4.13 -17.55 24.40
CA GLN C 14 4.14 -18.22 25.71
C GLN C 14 2.75 -18.72 26.09
N ALA C 15 2.67 -19.71 27.01
CA ALA C 15 1.41 -20.30 27.48
C ALA C 15 0.85 -19.63 28.77
N GLY C 16 1.42 -18.48 29.15
CA GLY C 16 1.00 -17.72 30.32
C GLY C 16 1.53 -18.28 31.62
#